data_7E2R
#
_entry.id   7E2R
#
_cell.length_a   47.758
_cell.length_b   64.118
_cell.length_c   55.705
_cell.angle_alpha   90.000
_cell.angle_beta   91.590
_cell.angle_gamma   90.000
#
_symmetry.space_group_name_H-M   'P 1 21 1'
#
loop_
_entity.id
_entity.type
_entity.pdbx_description
1 polymer 'Tetrapyrrole-binding protein, chloroplastic'
2 water water
#
_entity_poly.entity_id   1
_entity_poly.type   'polypeptide(L)'
_entity_poly.pdbx_seq_one_letter_code
;MASATTAETATIFDVLENHLVNQNFRQADEETRRLLIQISGEAAVKRGYVFFSEVKTISPEDLQAIDNLWIKHSDGRFGY
SVQRKIWLKVKKDFTRFFVKVEWMKLLDTEVVQYNYRAFPDEFKWELNDETPLGHLPLTNALRGTQLLKCVLSHPAFATA
DDNSGETEDELNRGVAVAKEQAGVGADKRVFKTNYSFLEHHHHHH
;
_entity_poly.pdbx_strand_id   A,B
#
# COMPACT_ATOMS: atom_id res chain seq x y z
N ALA A 10 -13.02 26.13 7.29
CA ALA A 10 -12.37 25.12 6.47
C ALA A 10 -12.45 23.75 7.11
N THR A 11 -12.54 22.71 6.30
CA THR A 11 -12.49 21.35 6.79
C THR A 11 -11.27 20.62 6.24
N ILE A 12 -10.87 19.54 6.94
CA ILE A 12 -9.72 18.73 6.54
C ILE A 12 -10.00 17.88 5.30
N PHE A 13 -11.25 17.80 4.87
CA PHE A 13 -11.64 17.01 3.70
C PHE A 13 -11.69 17.85 2.43
N ASP A 14 -11.25 19.11 2.49
CA ASP A 14 -11.36 20.01 1.35
C ASP A 14 -10.51 19.54 0.18
N VAL A 15 -9.28 19.10 0.43
CA VAL A 15 -8.43 18.64 -0.66
C VAL A 15 -9.03 17.40 -1.31
N LEU A 16 -9.48 16.44 -0.48
CA LEU A 16 -10.15 15.26 -1.02
C LEU A 16 -11.32 15.65 -1.89
N GLU A 17 -12.11 16.62 -1.43
CA GLU A 17 -13.28 17.06 -2.17
C GLU A 17 -12.87 17.61 -3.54
N ASN A 18 -11.85 18.48 -3.57
CA ASN A 18 -11.37 19.01 -4.84
C ASN A 18 -10.95 17.90 -5.79
N HIS A 19 -10.23 16.90 -5.29
CA HIS A 19 -9.83 15.78 -6.14
C HIS A 19 -11.06 15.04 -6.66
N LEU A 20 -12.08 14.85 -5.80
CA LEU A 20 -13.27 14.12 -6.20
C LEU A 20 -14.09 14.90 -7.22
N VAL A 21 -14.23 16.21 -7.01
CA VAL A 21 -14.97 17.06 -7.95
C VAL A 21 -14.35 16.95 -9.34
N ASN A 22 -13.03 16.96 -9.43
CA ASN A 22 -12.31 16.90 -10.69
C ASN A 22 -12.21 15.49 -11.27
N GLN A 23 -12.88 14.51 -10.67
CA GLN A 23 -12.81 13.11 -11.12
C GLN A 23 -11.38 12.57 -11.12
N ASN A 24 -10.53 13.14 -10.27
CA ASN A 24 -9.14 12.69 -10.15
C ASN A 24 -9.09 11.63 -9.07
N PHE A 25 -9.54 10.42 -9.43
CA PHE A 25 -9.75 9.39 -8.43
C PHE A 25 -8.44 8.81 -7.90
N ARG A 26 -7.37 8.84 -8.70
CA ARG A 26 -6.08 8.38 -8.21
C ARG A 26 -5.58 9.28 -7.08
N GLN A 27 -5.54 10.59 -7.32
CA GLN A 27 -5.14 11.53 -6.27
CA GLN A 27 -5.14 11.54 -6.28
C GLN A 27 -6.09 11.46 -5.09
N ALA A 28 -7.38 11.27 -5.34
CA ALA A 28 -8.35 11.16 -4.26
C ALA A 28 -8.08 9.93 -3.43
N ASP A 29 -7.72 8.82 -4.08
CA ASP A 29 -7.36 7.61 -3.33
C ASP A 29 -6.18 7.86 -2.43
N GLU A 30 -5.16 8.55 -2.94
CA GLU A 30 -3.98 8.86 -2.13
C GLU A 30 -4.34 9.77 -0.96
N GLU A 31 -5.18 10.79 -1.20
CA GLU A 31 -5.59 11.68 -0.13
C GLU A 31 -6.41 10.95 0.92
N THR A 32 -7.22 9.97 0.48
CA THR A 32 -7.97 9.14 1.41
C THR A 32 -7.04 8.27 2.26
N ARG A 33 -5.92 7.81 1.69
CA ARG A 33 -4.95 7.06 2.46
C ARG A 33 -4.34 7.92 3.57
N ARG A 34 -4.02 9.18 3.25
CA ARG A 34 -3.47 10.08 4.26
C ARG A 34 -4.52 10.48 5.29
N LEU A 35 -5.76 10.72 4.83
CA LEU A 35 -6.83 11.13 5.73
C LEU A 35 -7.10 10.06 6.78
N LEU A 36 -7.11 8.80 6.36
CA LEU A 36 -7.33 7.70 7.29
C LEU A 36 -6.31 7.72 8.42
N ILE A 37 -5.04 7.98 8.07
CA ILE A 37 -4.01 8.11 9.11
C ILE A 37 -4.27 9.34 9.98
N GLN A 38 -4.66 10.45 9.36
CA GLN A 38 -4.85 11.70 10.10
C GLN A 38 -5.94 11.57 11.14
N ILE A 39 -7.10 11.02 10.76
CA ILE A 39 -8.25 10.95 11.66
C ILE A 39 -8.07 9.86 12.71
N SER A 40 -6.94 9.14 12.65
CA SER A 40 -6.68 8.06 13.60
C SER A 40 -5.87 8.50 14.79
N GLY A 41 -5.36 9.73 14.80
CA GLY A 41 -4.68 10.29 15.94
C GLY A 41 -3.26 10.74 15.61
N GLU A 42 -2.68 11.47 16.58
CA GLU A 42 -1.33 11.98 16.41
C GLU A 42 -0.30 10.86 16.35
N ALA A 43 -0.51 9.78 17.09
CA ALA A 43 0.43 8.66 17.06
C ALA A 43 0.49 8.04 15.67
N ALA A 44 -0.66 7.86 15.02
CA ALA A 44 -0.68 7.30 13.67
C ALA A 44 0.03 8.22 12.69
N VAL A 45 -0.23 9.52 12.77
CA VAL A 45 0.45 10.47 11.89
C VAL A 45 1.95 10.37 12.06
N LYS A 46 2.41 10.29 13.31
CA LYS A 46 3.85 10.33 13.58
C LYS A 46 4.56 9.13 12.96
N ARG A 47 4.01 7.93 13.13
CA ARG A 47 4.66 6.73 12.60
C ARG A 47 4.27 6.42 11.16
N GLY A 48 3.22 7.04 10.62
CA GLY A 48 2.95 6.96 9.21
C GLY A 48 2.00 5.88 8.76
N TYR A 49 1.33 5.19 9.68
CA TYR A 49 0.35 4.18 9.32
C TYR A 49 -0.56 3.94 10.53
N VAL A 50 -1.66 3.23 10.30
CA VAL A 50 -2.70 3.02 11.29
C VAL A 50 -2.59 1.62 11.84
N PHE A 51 -2.59 1.48 13.17
CA PHE A 51 -2.87 0.21 13.80
C PHE A 51 -4.36 -0.11 13.67
N PHE A 52 -4.68 -1.35 13.32
CA PHE A 52 -6.10 -1.68 13.17
C PHE A 52 -6.88 -1.47 14.45
N SER A 53 -6.22 -1.50 15.62
CA SER A 53 -6.88 -1.26 16.90
C SER A 53 -7.27 0.20 17.12
N GLU A 54 -6.74 1.13 16.33
CA GLU A 54 -7.12 2.53 16.44
C GLU A 54 -8.36 2.89 15.63
N VAL A 55 -8.80 2.01 14.73
CA VAL A 55 -9.91 2.34 13.86
C VAL A 55 -11.18 2.51 14.67
N LYS A 56 -11.37 1.67 15.70
CA LYS A 56 -12.54 1.82 16.57
C LYS A 56 -12.54 3.16 17.28
N THR A 57 -11.37 3.77 17.50
CA THR A 57 -11.33 5.09 18.11
C THR A 57 -11.60 6.21 17.13
N ILE A 58 -11.65 5.92 15.82
CA ILE A 58 -11.97 6.97 14.85
C ILE A 58 -13.42 7.37 15.04
N SER A 59 -13.66 8.68 15.03
CA SER A 59 -15.03 9.15 15.21
C SER A 59 -15.83 8.84 13.95
N PRO A 60 -17.10 8.43 14.09
CA PRO A 60 -17.88 8.10 12.90
C PRO A 60 -18.15 9.30 12.00
N GLU A 61 -18.13 10.51 12.54
CA GLU A 61 -18.34 11.70 11.72
C GLU A 61 -17.21 11.92 10.72
N ASP A 62 -15.97 11.58 11.08
CA ASP A 62 -14.88 11.70 10.11
C ASP A 62 -14.98 10.63 9.03
N LEU A 63 -15.26 9.38 9.42
CA LEU A 63 -15.39 8.31 8.44
C LEU A 63 -16.58 8.55 7.51
N GLN A 64 -17.70 9.05 8.05
CA GLN A 64 -18.84 9.36 7.20
C GLN A 64 -18.55 10.52 6.26
N ALA A 65 -17.74 11.48 6.69
CA ALA A 65 -17.34 12.57 5.79
C ALA A 65 -16.65 12.02 4.56
N ILE A 66 -15.66 11.14 4.76
CA ILE A 66 -14.91 10.58 3.63
C ILE A 66 -15.83 9.75 2.75
N ASP A 67 -16.63 8.87 3.37
CA ASP A 67 -17.54 8.00 2.62
C ASP A 67 -18.54 8.80 1.80
N ASN A 68 -19.16 9.81 2.41
CA ASN A 68 -20.17 10.62 1.71
C ASN A 68 -19.58 11.35 0.52
N LEU A 69 -18.33 11.82 0.65
CA LEU A 69 -17.66 12.45 -0.49
C LEU A 69 -17.47 11.46 -1.63
N TRP A 70 -16.94 10.27 -1.33
CA TRP A 70 -16.75 9.26 -2.38
C TRP A 70 -18.07 8.86 -3.02
N ILE A 71 -19.15 8.79 -2.22
CA ILE A 71 -20.47 8.44 -2.75
C ILE A 71 -20.99 9.54 -3.67
N LYS A 72 -20.89 10.80 -3.22
CA LYS A 72 -21.47 11.91 -3.94
C LYS A 72 -20.85 12.07 -5.33
N HIS A 73 -19.54 11.83 -5.43
CA HIS A 73 -18.80 12.09 -6.67
C HIS A 73 -18.51 10.82 -7.45
N SER A 74 -19.25 9.75 -7.20
CA SER A 74 -19.15 8.51 -7.98
C SER A 74 -20.52 7.95 -8.32
N ASP A 75 -21.59 8.73 -8.13
CA ASP A 75 -22.95 8.23 -8.29
C ASP A 75 -23.19 7.02 -7.39
N GLY A 76 -22.62 7.07 -6.18
CA GLY A 76 -22.81 6.01 -5.21
C GLY A 76 -22.10 4.72 -5.50
N ARG A 77 -21.16 4.69 -6.44
CA ARG A 77 -20.47 3.48 -6.81
C ARG A 77 -19.13 3.29 -6.09
N PHE A 78 -18.62 4.32 -5.41
CA PHE A 78 -17.39 4.27 -4.65
C PHE A 78 -17.66 4.58 -3.19
N GLY A 79 -16.77 4.11 -2.32
CA GLY A 79 -16.84 4.44 -0.91
C GLY A 79 -16.81 3.20 -0.03
N TYR A 80 -16.62 3.44 1.27
CA TYR A 80 -16.58 2.35 2.23
C TYR A 80 -17.95 1.72 2.43
N SER A 81 -19.02 2.53 2.40
CA SER A 81 -20.37 1.99 2.53
C SER A 81 -20.67 0.97 1.44
N VAL A 82 -20.33 1.30 0.19
CA VAL A 82 -20.55 0.37 -0.92
C VAL A 82 -19.71 -0.88 -0.73
N GLN A 83 -18.47 -0.72 -0.27
CA GLN A 83 -17.60 -1.88 -0.08
C GLN A 83 -18.12 -2.79 1.03
N ARG A 84 -18.67 -2.20 2.10
CA ARG A 84 -19.26 -3.01 3.16
C ARG A 84 -20.40 -3.87 2.62
N LYS A 85 -21.27 -3.28 1.80
CA LYS A 85 -22.40 -4.04 1.26
C LYS A 85 -21.93 -5.17 0.36
N ILE A 86 -20.96 -4.93 -0.52
CA ILE A 86 -20.39 -6.00 -1.33
C ILE A 86 -19.76 -7.06 -0.43
N TRP A 87 -19.10 -6.61 0.64
CA TRP A 87 -18.44 -7.52 1.56
C TRP A 87 -19.45 -8.41 2.27
N LEU A 88 -20.54 -7.83 2.76
CA LEU A 88 -21.60 -8.63 3.35
C LEU A 88 -22.19 -9.60 2.33
N LYS A 89 -22.48 -9.10 1.13
CA LYS A 89 -23.07 -9.93 0.09
C LYS A 89 -22.24 -11.16 -0.21
N VAL A 90 -20.95 -11.11 0.12
CA VAL A 90 -20.01 -12.16 -0.19
C VAL A 90 -19.57 -12.91 1.08
N LYS A 91 -20.37 -12.77 2.14
CA LYS A 91 -20.23 -13.47 3.43
C LYS A 91 -18.97 -13.06 4.18
N LYS A 92 -18.52 -11.81 4.00
CA LYS A 92 -17.33 -11.26 4.63
C LYS A 92 -16.07 -12.05 4.30
N ASP A 93 -16.08 -12.75 3.17
CA ASP A 93 -14.91 -13.46 2.67
C ASP A 93 -14.08 -12.47 1.86
N PHE A 94 -12.93 -12.05 2.41
CA PHE A 94 -12.16 -11.01 1.75
C PHE A 94 -11.64 -11.46 0.40
N THR A 95 -11.27 -12.73 0.27
CA THR A 95 -10.78 -13.21 -1.02
C THR A 95 -11.83 -13.01 -2.10
N ARG A 96 -13.06 -13.45 -1.83
CA ARG A 96 -14.14 -13.24 -2.78
C ARG A 96 -14.43 -11.75 -2.95
N PHE A 97 -14.26 -10.98 -1.88
CA PHE A 97 -14.48 -9.53 -1.96
C PHE A 97 -13.51 -8.89 -2.93
N PHE A 98 -12.21 -9.23 -2.84
CA PHE A 98 -11.21 -8.63 -3.71
C PHE A 98 -11.46 -8.97 -5.18
N VAL A 99 -11.99 -10.17 -5.46
CA VAL A 99 -12.35 -10.53 -6.82
C VAL A 99 -13.54 -9.72 -7.30
N LYS A 100 -14.53 -9.55 -6.43
CA LYS A 100 -15.76 -8.86 -6.80
C LYS A 100 -15.52 -7.38 -7.06
N VAL A 101 -14.68 -6.72 -6.26
CA VAL A 101 -14.31 -5.33 -6.54
C VAL A 101 -13.14 -5.23 -7.50
N GLU A 102 -12.64 -6.35 -8.01
CA GLU A 102 -11.63 -6.40 -9.08
C GLU A 102 -10.31 -5.75 -8.64
N TRP A 103 -9.83 -6.13 -7.46
CA TRP A 103 -8.45 -5.85 -7.05
C TRP A 103 -7.52 -7.03 -7.33
N MET A 104 -8.07 -8.20 -7.64
CA MET A 104 -7.29 -9.39 -7.98
C MET A 104 -8.17 -10.29 -8.84
N LYS A 105 -7.56 -11.33 -9.41
CA LYS A 105 -8.33 -12.22 -10.26
C LYS A 105 -8.78 -13.48 -9.53
N LEU A 106 -8.14 -14.62 -9.73
CA LEU A 106 -8.65 -15.83 -9.07
C LEU A 106 -7.68 -17.01 -9.07
N TYR A 116 -1.12 -17.63 -14.47
CA TYR A 116 -2.10 -16.92 -13.64
C TYR A 116 -1.59 -15.54 -13.21
N ARG A 117 -2.40 -14.51 -13.43
CA ARG A 117 -2.06 -13.13 -13.07
C ARG A 117 -2.97 -12.71 -11.92
N ALA A 118 -2.44 -12.76 -10.70
CA ALA A 118 -3.19 -12.29 -9.54
C ALA A 118 -3.50 -10.80 -9.63
N PHE A 119 -2.48 -9.99 -9.93
CA PHE A 119 -2.66 -8.55 -10.04
C PHE A 119 -2.38 -8.05 -11.44
N PRO A 120 -2.99 -6.95 -11.85
CA PRO A 120 -2.72 -6.37 -13.17
C PRO A 120 -1.39 -5.62 -13.18
N ASP A 121 -0.96 -5.26 -14.39
CA ASP A 121 0.15 -4.32 -14.55
C ASP A 121 -0.18 -2.98 -13.92
N GLU A 122 -1.38 -2.46 -14.18
CA GLU A 122 -1.77 -1.14 -13.71
C GLU A 122 -3.20 -1.19 -13.21
N PHE A 123 -3.42 -0.63 -12.03
CA PHE A 123 -4.78 -0.45 -11.53
C PHE A 123 -5.51 0.53 -12.44
N LYS A 124 -6.80 0.27 -12.67
CA LYS A 124 -7.63 1.16 -13.49
C LYS A 124 -8.32 2.17 -12.57
N TRP A 125 -7.94 3.44 -12.69
CA TRP A 125 -8.47 4.46 -11.81
C TRP A 125 -9.67 5.21 -12.38
N GLU A 126 -10.04 4.96 -13.63
CA GLU A 126 -11.14 5.69 -14.24
C GLU A 126 -12.48 5.10 -13.80
N LEU A 127 -13.53 5.92 -13.90
CA LEU A 127 -14.89 5.52 -13.58
C LEU A 127 -15.72 5.49 -14.86
N ASN A 128 -15.95 4.28 -15.38
CA ASN A 128 -16.75 4.11 -16.58
C ASN A 128 -17.78 3.01 -16.33
N ASP A 129 -18.38 2.50 -17.42
CA ASP A 129 -19.50 1.58 -17.27
C ASP A 129 -19.07 0.21 -16.76
N GLU A 130 -17.87 -0.23 -17.11
CA GLU A 130 -17.40 -1.54 -16.66
C GLU A 130 -16.79 -1.50 -15.27
N THR A 131 -16.70 -0.33 -14.64
CA THR A 131 -16.10 -0.23 -13.33
C THR A 131 -17.05 -0.83 -12.30
N PRO A 132 -16.62 -1.80 -11.51
CA PRO A 132 -17.54 -2.45 -10.56
C PRO A 132 -17.71 -1.62 -9.29
N LEU A 133 -18.85 -1.86 -8.62
CA LEU A 133 -19.12 -1.23 -7.34
C LEU A 133 -17.97 -1.46 -6.37
N GLY A 134 -17.65 -0.43 -5.59
CA GLY A 134 -16.62 -0.54 -4.59
C GLY A 134 -15.20 -0.66 -5.12
N HIS A 135 -14.97 -0.35 -6.40
CA HIS A 135 -13.62 -0.45 -6.93
C HIS A 135 -12.65 0.47 -6.19
N LEU A 136 -13.15 1.57 -5.64
CA LEU A 136 -12.39 2.55 -4.91
C LEU A 136 -13.16 2.92 -3.66
N PRO A 137 -12.49 3.43 -2.61
CA PRO A 137 -11.04 3.62 -2.46
C PRO A 137 -10.29 2.31 -2.27
N LEU A 138 -8.99 2.32 -2.61
CA LEU A 138 -8.14 1.15 -2.49
C LEU A 138 -7.48 1.15 -1.12
N THR A 139 -7.49 -0.01 -0.46
CA THR A 139 -6.84 -0.20 0.82
C THR A 139 -5.79 -1.27 0.68
N ASN A 140 -4.58 -0.99 1.17
CA ASN A 140 -3.47 -1.94 1.00
C ASN A 140 -3.65 -3.17 1.87
N ALA A 141 -4.37 -4.16 1.36
CA ALA A 141 -4.62 -5.41 2.06
C ALA A 141 -3.39 -6.32 2.12
N LEU A 142 -2.30 -5.96 1.45
CA LEU A 142 -1.07 -6.72 1.60
C LEU A 142 -0.51 -6.59 3.01
N ARG A 143 -0.76 -5.47 3.68
CA ARG A 143 -0.37 -5.28 5.07
C ARG A 143 -1.26 -6.04 6.05
N GLY A 144 -2.26 -6.75 5.57
CA GLY A 144 -3.19 -7.43 6.44
C GLY A 144 -4.60 -6.94 6.21
N THR A 145 -5.55 -7.86 6.19
CA THR A 145 -6.95 -7.52 5.95
C THR A 145 -7.64 -6.94 7.18
N GLN A 146 -7.02 -7.00 8.35
CA GLN A 146 -7.76 -6.65 9.56
C GLN A 146 -8.11 -5.16 9.57
N LEU A 147 -7.22 -4.31 9.04
CA LEU A 147 -7.51 -2.89 8.98
C LEU A 147 -8.75 -2.62 8.14
N LEU A 148 -8.82 -3.23 6.94
CA LEU A 148 -10.01 -3.10 6.12
C LEU A 148 -11.24 -3.67 6.82
N LYS A 149 -11.06 -4.77 7.55
CA LYS A 149 -12.17 -5.38 8.27
C LYS A 149 -12.71 -4.43 9.33
N CYS A 150 -11.83 -3.69 10.01
CA CYS A 150 -12.30 -2.78 11.05
C CYS A 150 -12.95 -1.53 10.46
N VAL A 151 -12.54 -1.10 9.27
CA VAL A 151 -13.19 0.05 8.66
C VAL A 151 -14.61 -0.30 8.22
N LEU A 152 -14.76 -1.42 7.50
CA LEU A 152 -16.08 -1.78 7.01
C LEU A 152 -17.06 -2.13 8.12
N SER A 153 -16.57 -2.55 9.30
CA SER A 153 -17.47 -2.87 10.40
C SER A 153 -17.46 -1.80 11.48
N HIS A 154 -17.01 -0.60 11.15
CA HIS A 154 -17.10 0.54 12.05
C HIS A 154 -18.56 0.97 12.21
N PRO A 155 -18.93 1.48 13.41
CA PRO A 155 -20.30 1.97 13.60
C PRO A 155 -20.71 3.08 12.62
N ALA A 156 -19.73 3.79 12.05
CA ALA A 156 -20.04 4.81 11.05
C ALA A 156 -20.89 4.27 9.91
N PHE A 157 -20.71 2.99 9.56
CA PHE A 157 -21.35 2.41 8.41
C PHE A 157 -22.43 1.40 8.78
N ALA A 158 -23.00 1.51 9.98
CA ALA A 158 -24.11 0.63 10.34
C ALA A 158 -25.36 1.13 9.62
N THR A 159 -26.16 0.18 9.14
CA THR A 159 -27.36 0.50 8.36
C THR A 159 -28.65 0.26 9.13
N THR B 5 23.77 27.73 13.98
CA THR B 5 23.01 26.87 13.08
C THR B 5 23.87 26.30 11.95
N THR B 6 23.94 24.98 11.86
CA THR B 6 24.73 24.32 10.85
C THR B 6 23.92 24.09 9.57
N ALA B 7 24.64 23.82 8.49
CA ALA B 7 23.99 23.23 7.32
C ALA B 7 23.59 21.80 7.65
N GLU B 8 22.64 21.28 6.86
CA GLU B 8 22.12 19.95 7.11
C GLU B 8 23.22 18.90 6.98
N THR B 9 23.51 18.21 8.08
CA THR B 9 24.44 17.08 8.06
C THR B 9 23.73 15.73 7.96
N ALA B 10 22.43 15.68 8.20
CA ALA B 10 21.69 14.46 8.01
C ALA B 10 21.58 14.12 6.53
N THR B 11 21.52 12.83 6.23
CA THR B 11 21.26 12.37 4.87
C THR B 11 19.84 11.81 4.84
N ILE B 12 19.30 11.68 3.64
CA ILE B 12 17.91 11.25 3.53
C ILE B 12 17.68 9.82 3.97
N PHE B 13 18.74 9.01 4.09
CA PHE B 13 18.59 7.62 4.50
C PHE B 13 18.79 7.38 6.00
N ASP B 14 19.01 8.44 6.79
CA ASP B 14 19.35 8.26 8.20
C ASP B 14 18.20 7.67 9.00
N VAL B 15 16.98 8.16 8.76
CA VAL B 15 15.83 7.64 9.52
C VAL B 15 15.62 6.16 9.23
N LEU B 16 15.71 5.78 7.95
CA LEU B 16 15.62 4.35 7.61
C LEU B 16 16.70 3.56 8.31
N GLU B 17 17.94 4.06 8.29
CA GLU B 17 19.04 3.32 8.92
C GLU B 17 18.80 3.11 10.40
N ASN B 18 18.37 4.16 11.10
CA ASN B 18 18.08 4.05 12.52
C ASN B 18 17.01 3.00 12.80
N HIS B 19 15.94 2.98 11.98
CA HIS B 19 14.90 1.97 12.18
C HIS B 19 15.45 0.56 12.00
N LEU B 20 16.32 0.35 11.01
CA LEU B 20 16.85 -0.98 10.76
C LEU B 20 17.79 -1.42 11.86
N VAL B 21 18.64 -0.52 12.35
CA VAL B 21 19.53 -0.86 13.45
C VAL B 21 18.72 -1.34 14.65
N ASN B 22 17.62 -0.66 14.95
CA ASN B 22 16.72 -1.07 16.03
C ASN B 22 15.81 -2.22 15.64
N GLN B 23 16.01 -2.81 14.47
CA GLN B 23 15.21 -3.93 13.99
C GLN B 23 13.72 -3.60 13.94
N ASN B 24 13.39 -2.32 13.72
CA ASN B 24 11.99 -1.89 13.59
C ASN B 24 11.59 -1.94 12.12
N PHE B 25 11.30 -3.15 11.66
CA PHE B 25 11.10 -3.38 10.22
C PHE B 25 9.80 -2.78 9.70
N ARG B 26 8.75 -2.72 10.53
CA ARG B 26 7.52 -2.08 10.09
C ARG B 26 7.75 -0.60 9.81
N GLN B 27 8.41 0.10 10.73
CA GLN B 27 8.78 1.49 10.50
C GLN B 27 9.74 1.63 9.32
N ALA B 28 10.71 0.72 9.22
CA ALA B 28 11.64 0.77 8.10
C ALA B 28 10.92 0.59 6.77
N ASP B 29 9.96 -0.34 6.71
CA ASP B 29 9.17 -0.53 5.50
C ASP B 29 8.42 0.75 5.13
N GLU B 30 7.77 1.37 6.11
CA GLU B 30 7.02 2.59 5.83
C GLU B 30 7.95 3.71 5.36
N GLU B 31 9.12 3.82 6.00
CA GLU B 31 10.10 4.81 5.57
C GLU B 31 10.64 4.50 4.18
N THR B 32 10.78 3.21 3.85
CA THR B 32 11.23 2.86 2.50
C THR B 32 10.20 3.28 1.46
N ARG B 33 8.91 3.26 1.83
CA ARG B 33 7.86 3.70 0.90
C ARG B 33 8.00 5.19 0.60
N ARG B 34 8.29 5.99 1.62
CA ARG B 34 8.44 7.43 1.38
C ARG B 34 9.71 7.75 0.60
N LEU B 35 10.80 7.03 0.88
CA LEU B 35 12.06 7.27 0.18
C LEU B 35 11.93 7.06 -1.32
N LEU B 36 11.23 5.98 -1.72
CA LEU B 36 11.01 5.75 -3.14
C LEU B 36 10.34 6.93 -3.81
N ILE B 37 9.33 7.50 -3.16
CA ILE B 37 8.69 8.69 -3.67
C ILE B 37 9.67 9.86 -3.68
N GLN B 38 10.46 9.99 -2.61
CA GLN B 38 11.38 11.12 -2.49
C GLN B 38 12.44 11.09 -3.58
N ILE B 39 13.07 9.93 -3.78
CA ILE B 39 14.19 9.81 -4.72
C ILE B 39 13.70 9.83 -6.15
N SER B 40 12.38 9.97 -6.34
CA SER B 40 11.78 9.99 -7.67
C SER B 40 11.52 11.38 -8.21
N GLY B 41 11.71 12.42 -7.42
CA GLY B 41 11.60 13.79 -7.89
C GLY B 41 10.55 14.58 -7.12
N GLU B 42 10.55 15.88 -7.38
CA GLU B 42 9.62 16.79 -6.72
C GLU B 42 8.18 16.49 -7.13
N ALA B 43 7.97 16.11 -8.39
CA ALA B 43 6.62 15.83 -8.85
C ALA B 43 6.04 14.63 -8.12
N ALA B 44 6.84 13.57 -7.95
CA ALA B 44 6.37 12.40 -7.23
C ALA B 44 6.05 12.72 -5.77
N VAL B 45 6.90 13.53 -5.13
CA VAL B 45 6.63 13.94 -3.75
C VAL B 45 5.30 14.70 -3.69
N LYS B 46 5.07 15.59 -4.66
CA LYS B 46 3.88 16.44 -4.63
C LYS B 46 2.59 15.63 -4.68
N ARG B 47 2.50 14.67 -5.60
CA ARG B 47 1.26 13.92 -5.73
C ARG B 47 1.17 12.74 -4.77
N GLY B 48 2.28 12.32 -4.18
CA GLY B 48 2.27 11.32 -3.14
C GLY B 48 2.47 9.90 -3.60
N TYR B 49 2.79 9.68 -4.87
CA TYR B 49 3.06 8.35 -5.39
C TYR B 49 3.87 8.50 -6.66
N VAL B 50 4.46 7.39 -7.08
CA VAL B 50 5.41 7.36 -8.18
C VAL B 50 4.74 6.80 -9.42
N PHE B 51 4.86 7.52 -10.54
CA PHE B 51 4.57 6.93 -11.84
C PHE B 51 5.66 5.93 -12.20
N PHE B 52 5.26 4.75 -12.69
CA PHE B 52 6.26 3.74 -13.01
C PHE B 52 7.25 4.23 -14.07
N SER B 53 6.86 5.21 -14.88
CA SER B 53 7.75 5.76 -15.88
C SER B 53 8.84 6.64 -15.29
N GLU B 54 8.69 7.07 -14.02
CA GLU B 54 9.71 7.88 -13.35
C GLU B 54 10.82 7.03 -12.73
N VAL B 55 10.63 5.71 -12.63
CA VAL B 55 11.62 4.87 -11.94
C VAL B 55 12.95 4.87 -12.69
N LYS B 56 12.91 4.90 -14.02
CA LYS B 56 14.18 4.94 -14.76
C LYS B 56 14.97 6.20 -14.44
N THR B 57 14.29 7.28 -14.06
CA THR B 57 14.96 8.52 -13.69
C THR B 57 15.57 8.48 -12.30
N ILE B 58 15.31 7.43 -11.52
CA ILE B 58 15.93 7.31 -10.21
C ILE B 58 17.42 7.03 -10.39
N SER B 59 18.24 7.75 -9.64
CA SER B 59 19.67 7.53 -9.70
C SER B 59 20.00 6.19 -9.04
N PRO B 60 20.89 5.39 -9.63
CA PRO B 60 21.20 4.07 -9.05
C PRO B 60 21.88 4.13 -7.69
N GLU B 61 22.56 5.22 -7.35
CA GLU B 61 23.18 5.33 -6.03
C GLU B 61 22.13 5.39 -4.92
N ASP B 62 20.98 6.01 -5.19
CA ASP B 62 19.93 6.11 -4.18
C ASP B 62 19.29 4.75 -3.93
N LEU B 63 18.95 4.03 -5.01
CA LEU B 63 18.33 2.71 -4.84
C LEU B 63 19.28 1.73 -4.17
N GLN B 64 20.57 1.77 -4.53
CA GLN B 64 21.54 0.90 -3.90
C GLN B 64 21.76 1.28 -2.44
N ALA B 65 21.69 2.56 -2.11
CA ALA B 65 21.75 2.98 -0.71
C ALA B 65 20.64 2.33 0.09
N ILE B 66 19.41 2.37 -0.43
CA ILE B 66 18.29 1.76 0.29
C ILE B 66 18.49 0.26 0.41
N ASP B 67 18.82 -0.38 -0.72
CA ASP B 67 18.98 -1.84 -0.76
C ASP B 67 20.07 -2.30 0.20
N ASN B 68 21.22 -1.62 0.19
CA ASN B 68 22.34 -2.03 1.04
C ASN B 68 21.99 -1.93 2.51
N LEU B 69 21.23 -0.90 2.89
CA LEU B 69 20.78 -0.78 4.27
C LEU B 69 19.93 -1.98 4.67
N TRP B 70 18.95 -2.34 3.83
CA TRP B 70 18.13 -3.51 4.13
C TRP B 70 18.96 -4.78 4.20
N ILE B 71 19.95 -4.91 3.31
CA ILE B 71 20.80 -6.10 3.32
C ILE B 71 21.64 -6.14 4.60
N LYS B 72 22.25 -5.01 4.95
CA LYS B 72 23.19 -4.95 6.05
C LYS B 72 22.53 -5.33 7.39
N HIS B 73 21.26 -4.96 7.57
CA HIS B 73 20.58 -5.17 8.85
C HIS B 73 19.56 -6.29 8.82
N SER B 74 19.65 -7.19 7.84
CA SER B 74 18.77 -8.35 7.78
C SER B 74 19.53 -9.63 7.51
N ASP B 75 20.87 -9.60 7.56
CA ASP B 75 21.70 -10.74 7.21
C ASP B 75 21.41 -11.23 5.79
N GLY B 76 21.16 -10.27 4.89
CA GLY B 76 20.92 -10.57 3.49
C GLY B 76 19.57 -11.17 3.16
N ARG B 77 18.62 -11.17 4.09
CA ARG B 77 17.33 -11.78 3.83
C ARG B 77 16.29 -10.79 3.34
N PHE B 78 16.57 -9.49 3.43
CA PHE B 78 15.65 -8.45 2.97
C PHE B 78 16.33 -7.59 1.91
N GLY B 79 15.52 -6.95 1.08
CA GLY B 79 16.01 -5.97 0.13
C GLY B 79 15.56 -6.20 -1.29
N TYR B 80 15.69 -5.17 -2.13
CA TYR B 80 15.24 -5.26 -3.51
C TYR B 80 16.13 -6.21 -4.32
N SER B 81 17.45 -6.18 -4.08
CA SER B 81 18.34 -7.09 -4.78
C SER B 81 17.97 -8.54 -4.50
N VAL B 82 17.66 -8.87 -3.24
CA VAL B 82 17.26 -10.23 -2.91
C VAL B 82 15.96 -10.59 -3.61
N GLN B 83 15.01 -9.66 -3.63
CA GLN B 83 13.74 -9.90 -4.29
C GLN B 83 13.93 -10.04 -5.79
N ARG B 84 14.84 -9.25 -6.37
CA ARG B 84 15.16 -9.43 -7.78
C ARG B 84 15.64 -10.84 -8.06
N LYS B 85 16.54 -11.36 -7.22
CA LYS B 85 17.07 -12.70 -7.44
C LYS B 85 15.95 -13.74 -7.43
N ILE B 86 15.06 -13.66 -6.43
CA ILE B 86 13.92 -14.57 -6.38
C ILE B 86 13.04 -14.38 -7.62
N TRP B 87 12.87 -13.12 -8.05
CA TRP B 87 12.00 -12.79 -9.17
C TRP B 87 12.53 -13.39 -10.47
N LEU B 88 13.83 -13.26 -10.72
CA LEU B 88 14.43 -13.88 -11.90
C LEU B 88 14.32 -15.40 -11.84
N LYS B 89 14.59 -15.98 -10.67
CA LYS B 89 14.50 -17.43 -10.50
C LYS B 89 13.13 -17.97 -10.90
N VAL B 90 12.13 -17.11 -10.92
CA VAL B 90 10.76 -17.50 -11.16
C VAL B 90 10.27 -16.97 -12.51
N LYS B 91 11.20 -16.57 -13.38
CA LYS B 91 10.92 -16.14 -14.75
C LYS B 91 10.04 -14.89 -14.78
N LYS B 92 10.19 -14.03 -13.77
CA LYS B 92 9.43 -12.79 -13.64
C LYS B 92 7.94 -13.02 -13.47
N ASP B 93 7.55 -14.20 -12.99
CA ASP B 93 6.14 -14.53 -12.70
C ASP B 93 5.81 -13.95 -11.33
N PHE B 94 5.08 -12.83 -11.32
CA PHE B 94 4.85 -12.12 -10.07
C PHE B 94 4.01 -12.93 -9.10
N THR B 95 3.04 -13.68 -9.61
CA THR B 95 2.20 -14.48 -8.71
C THR B 95 3.04 -15.51 -7.96
N ARG B 96 3.88 -16.26 -8.68
CA ARG B 96 4.75 -17.23 -8.00
C ARG B 96 5.74 -16.54 -7.07
N PHE B 97 6.20 -15.33 -7.44
CA PHE B 97 7.07 -14.56 -6.56
C PHE B 97 6.36 -14.15 -5.28
N PHE B 98 5.11 -13.67 -5.39
CA PHE B 98 4.36 -13.27 -4.21
C PHE B 98 4.14 -14.44 -3.25
N VAL B 99 3.97 -15.65 -3.79
CA VAL B 99 3.82 -16.82 -2.93
C VAL B 99 5.13 -17.15 -2.23
N LYS B 100 6.25 -17.05 -2.94
CA LYS B 100 7.53 -17.47 -2.36
C LYS B 100 7.96 -16.52 -1.23
N VAL B 101 7.74 -15.20 -1.42
CA VAL B 101 8.04 -14.25 -0.34
C VAL B 101 6.91 -14.14 0.66
N GLU B 102 5.86 -14.94 0.52
CA GLU B 102 4.78 -15.03 1.49
C GLU B 102 4.03 -13.72 1.65
N TRP B 103 3.70 -13.10 0.51
CA TRP B 103 2.74 -12.01 0.53
C TRP B 103 1.32 -12.47 0.28
N MET B 104 1.14 -13.71 -0.19
CA MET B 104 -0.18 -14.27 -0.34
C MET B 104 -0.07 -15.79 -0.38
N LYS B 105 -1.19 -16.44 -0.09
CA LYS B 105 -1.36 -17.88 -0.24
C LYS B 105 -2.36 -18.16 -1.36
N LEU B 106 -2.21 -19.31 -2.00
CA LEU B 106 -3.06 -19.66 -3.14
C LEU B 106 -4.17 -20.63 -2.75
N GLN B 113 -11.75 -25.09 5.00
CA GLN B 113 -13.15 -24.93 5.37
C GLN B 113 -13.40 -23.59 6.06
N TYR B 114 -13.67 -22.55 5.27
CA TYR B 114 -13.84 -21.16 5.73
C TYR B 114 -12.58 -20.60 6.37
N ASN B 115 -11.43 -21.22 6.06
CA ASN B 115 -10.16 -20.82 6.64
C ASN B 115 -9.17 -20.25 5.62
N TYR B 116 -9.51 -20.24 4.33
CA TYR B 116 -8.55 -19.77 3.34
C TYR B 116 -8.39 -18.26 3.39
N ARG B 117 -7.14 -17.81 3.53
CA ARG B 117 -6.77 -16.40 3.58
C ARG B 117 -5.80 -16.09 2.45
N ALA B 118 -6.25 -15.43 1.39
CA ALA B 118 -5.32 -14.99 0.35
C ALA B 118 -4.26 -14.07 0.96
N PHE B 119 -4.69 -13.11 1.77
CA PHE B 119 -3.80 -12.27 2.54
C PHE B 119 -4.03 -12.56 4.01
N PRO B 120 -3.03 -12.38 4.86
CA PRO B 120 -3.23 -12.66 6.28
C PRO B 120 -4.08 -11.57 6.93
N ASP B 121 -4.51 -11.87 8.16
CA ASP B 121 -5.15 -10.83 8.96
C ASP B 121 -4.18 -9.69 9.20
N GLU B 122 -2.92 -10.01 9.53
CA GLU B 122 -1.86 -9.05 9.79
C GLU B 122 -0.56 -9.54 9.16
N PHE B 123 0.12 -8.66 8.43
CA PHE B 123 1.44 -8.97 7.92
C PHE B 123 2.40 -9.24 9.07
N LYS B 124 3.31 -10.20 8.88
CA LYS B 124 4.33 -10.53 9.88
C LYS B 124 5.58 -9.71 9.59
N TRP B 125 5.91 -8.79 10.49
CA TRP B 125 7.03 -7.87 10.29
C TRP B 125 8.32 -8.35 10.93
N GLU B 126 8.31 -9.45 11.69
CA GLU B 126 9.48 -9.89 12.41
C GLU B 126 10.48 -10.59 11.50
N LEU B 127 11.73 -10.62 11.94
CA LEU B 127 12.81 -11.35 11.28
C LEU B 127 13.18 -12.50 12.21
N ASN B 128 12.67 -13.68 11.94
CA ASN B 128 12.97 -14.87 12.73
C ASN B 128 13.30 -16.02 11.79
N ASP B 129 13.24 -17.24 12.32
CA ASP B 129 13.64 -18.41 11.55
C ASP B 129 12.62 -18.75 10.46
N GLU B 130 11.35 -18.47 10.68
CA GLU B 130 10.31 -18.76 9.69
C GLU B 130 10.17 -17.66 8.65
N THR B 131 10.92 -16.57 8.75
CA THR B 131 10.77 -15.47 7.80
C THR B 131 11.39 -15.87 6.47
N PRO B 132 10.66 -15.79 5.36
CA PRO B 132 11.25 -16.17 4.07
C PRO B 132 12.08 -15.05 3.47
N LEU B 133 13.04 -15.44 2.64
CA LEU B 133 13.88 -14.51 1.92
C LEU B 133 13.05 -13.51 1.13
N GLY B 134 13.47 -12.24 1.15
CA GLY B 134 12.76 -11.21 0.41
C GLY B 134 11.40 -10.83 0.97
N HIS B 135 11.09 -11.24 2.21
CA HIS B 135 9.78 -10.93 2.80
C HIS B 135 9.54 -9.43 2.88
N LEU B 136 10.60 -8.65 2.99
CA LEU B 136 10.55 -7.20 3.08
C LEU B 136 11.64 -6.66 2.17
N PRO B 137 11.54 -5.40 1.73
CA PRO B 137 10.44 -4.45 1.96
C PRO B 137 9.18 -4.81 1.18
N LEU B 138 8.04 -4.33 1.67
CA LEU B 138 6.74 -4.56 1.05
C LEU B 138 6.41 -3.43 0.08
N THR B 139 6.02 -3.81 -1.14
CA THR B 139 5.61 -2.86 -2.17
C THR B 139 4.17 -3.16 -2.56
N ASN B 140 3.33 -2.12 -2.58
CA ASN B 140 1.90 -2.29 -2.80
C ASN B 140 1.56 -2.70 -4.24
N ALA B 141 1.55 -4.00 -4.50
CA ALA B 141 1.26 -4.49 -5.83
C ALA B 141 -0.22 -4.41 -6.20
N LEU B 142 -1.09 -4.04 -5.25
CA LEU B 142 -2.50 -3.82 -5.59
C LEU B 142 -2.67 -2.62 -6.51
N ARG B 143 -1.77 -1.64 -6.41
CA ARG B 143 -1.81 -0.51 -7.34
C ARG B 143 -1.33 -0.90 -8.72
N GLY B 144 -0.93 -2.16 -8.92
CA GLY B 144 -0.35 -2.55 -10.18
C GLY B 144 1.04 -3.12 -9.99
N THR B 145 1.33 -4.18 -10.76
CA THR B 145 2.61 -4.87 -10.69
C THR B 145 3.74 -4.13 -11.39
N GLN B 146 3.42 -3.09 -12.19
CA GLN B 146 4.43 -2.49 -13.06
C GLN B 146 5.48 -1.71 -12.28
N LEU B 147 5.08 -1.03 -11.20
CA LEU B 147 6.03 -0.26 -10.42
C LEU B 147 7.13 -1.16 -9.82
N LEU B 148 6.73 -2.26 -9.19
CA LEU B 148 7.71 -3.20 -8.66
C LEU B 148 8.59 -3.76 -9.76
N LYS B 149 8.03 -3.97 -10.96
CA LYS B 149 8.83 -4.49 -12.05
C LYS B 149 9.93 -3.51 -12.47
N CYS B 150 9.63 -2.22 -12.49
CA CYS B 150 10.65 -1.25 -12.88
C CYS B 150 11.69 -1.07 -11.79
N VAL B 151 11.30 -1.29 -10.53
CA VAL B 151 12.26 -1.25 -9.43
C VAL B 151 13.18 -2.45 -9.48
N LEU B 152 12.62 -3.66 -9.61
CA LEU B 152 13.43 -4.86 -9.58
C LEU B 152 14.36 -4.96 -10.78
N SER B 153 14.01 -4.32 -11.89
CA SER B 153 14.85 -4.37 -13.09
C SER B 153 15.56 -3.04 -13.34
N HIS B 154 15.65 -2.18 -12.33
CA HIS B 154 16.45 -0.98 -12.46
C HIS B 154 17.93 -1.36 -12.62
N PRO B 155 18.69 -0.59 -13.40
CA PRO B 155 20.13 -0.91 -13.56
C PRO B 155 20.88 -0.98 -12.24
N ALA B 156 20.37 -0.34 -11.19
CA ALA B 156 21.02 -0.41 -9.88
C ALA B 156 21.27 -1.83 -9.41
N PHE B 157 20.41 -2.78 -9.80
CA PHE B 157 20.50 -4.14 -9.30
C PHE B 157 20.96 -5.13 -10.38
N ALA B 158 21.67 -4.64 -11.39
CA ALA B 158 22.20 -5.48 -12.46
C ALA B 158 23.43 -6.28 -12.02
N THR B 159 23.54 -7.49 -12.54
CA THR B 159 24.64 -8.39 -12.21
C THR B 159 25.61 -8.47 -13.40
#